data_6P9A
#
_entry.id   6P9A
#
_cell.length_a   74.001
_cell.length_b   74.001
_cell.length_c   93.983
_cell.angle_alpha   90.00
_cell.angle_beta   90.00
_cell.angle_gamma   90.00
#
_symmetry.space_group_name_H-M   'P 43 21 2'
#
loop_
_entity.id
_entity.type
_entity.pdbx_description
1 polymer 'HIV-1 Protease'
2 non-polymer 'PHOSPHATE ION'
3 non-polymer (3R,3AS,6AR)-HEXAHYDROFURO[2,3-B]FURAN-3-YL(1S,2R)-3-[[(4-AMINOPHENYL)SULFONYL](ISOBUTYL)AMINO]-1-BENZYL-2-HYDROXYPROPYLCARBAMATE
4 water water
#
_entity_poly.entity_id   1
_entity_poly.type   'polypeptide(L)'
_entity_poly.pdbx_seq_one_letter_code
;PQITLWKRPIITIKIGGQLKDVLMDTGADDTVLENIDLPGKWKPKLIGGIGGFVKVRQYDHVPVEVAGHKVTTTVLVGPT
PVDVIGRNLLTQIGATLNF
;
_entity_poly.pdbx_strand_id   B,A
#
loop_
_chem_comp.id
_chem_comp.type
_chem_comp.name
_chem_comp.formula
017 non-polymer (3R,3AS,6AR)-HEXAHYDROFURO[2,3-B]FURAN-3-YL(1S,2R)-3-[[(4-AMINOPHENYL)SULFONYL](ISOBUTYL)AMINO]-1-BENZYL-2-HYDROXYPROPYLCARBAMATE 'C27 H37 N3 O7 S'
PO4 non-polymer 'PHOSPHATE ION' 'O4 P -3'
#
# COMPACT_ATOMS: atom_id res chain seq x y z
N PRO A 1 19.26 -4.10 -0.24
CA PRO A 1 18.89 -3.42 0.99
C PRO A 1 17.66 -4.05 1.65
N GLN A 2 17.51 -3.81 2.97
CA GLN A 2 16.45 -4.36 3.78
C GLN A 2 15.85 -3.21 4.60
N ILE A 3 14.58 -2.87 4.34
CA ILE A 3 13.95 -1.68 4.92
C ILE A 3 12.94 -2.16 5.95
N THR A 4 13.09 -1.73 7.21
CA THR A 4 12.03 -1.94 8.18
C THR A 4 10.88 -0.98 7.91
N LEU A 5 9.76 -1.24 8.55
CA LEU A 5 8.55 -0.53 8.18
C LEU A 5 8.04 0.39 9.30
N TRP A 6 8.88 0.73 10.32
CA TRP A 6 8.36 1.66 11.30
CA TRP A 6 8.56 1.72 11.33
C TRP A 6 8.16 3.06 10.70
N LYS A 7 8.81 3.35 9.56
CA LYS A 7 8.79 4.58 8.76
CA LYS A 7 8.49 4.59 8.87
C LYS A 7 8.04 4.23 7.47
N ARG A 8 7.42 5.21 6.81
CA ARG A 8 6.98 4.98 5.45
C ARG A 8 8.17 4.80 4.53
N PRO A 9 8.15 3.82 3.62
CA PRO A 9 9.29 3.56 2.73
C PRO A 9 9.25 4.48 1.50
N ILE A 10 9.91 5.65 1.61
CA ILE A 10 9.87 6.62 0.52
C ILE A 10 11.23 6.69 -0.19
N ILE A 11 11.17 6.43 -1.49
CA ILE A 11 12.38 6.33 -2.32
C ILE A 11 12.22 7.39 -3.42
N THR A 12 13.33 7.86 -4.01
CA THR A 12 13.16 8.75 -5.16
C THR A 12 13.12 7.97 -6.49
N ILE A 13 12.37 8.46 -7.47
CA ILE A 13 12.49 7.89 -8.80
CA ILE A 13 12.33 7.90 -8.83
C ILE A 13 12.73 9.02 -9.79
N LYS A 14 13.49 8.68 -10.85
CA LYS A 14 13.68 9.65 -11.94
C LYS A 14 12.71 9.31 -13.04
N ILE A 15 11.91 10.30 -13.46
CA ILE A 15 10.87 10.05 -14.47
C ILE A 15 10.58 11.38 -15.17
N GLY A 16 10.61 11.33 -16.51
CA GLY A 16 10.16 12.51 -17.23
C GLY A 16 11.09 13.69 -16.96
N GLY A 17 12.38 13.40 -16.75
CA GLY A 17 13.36 14.41 -16.38
C GLY A 17 13.15 15.06 -15.00
N GLN A 18 12.23 14.53 -14.18
CA GLN A 18 11.93 15.02 -12.84
CA GLN A 18 12.13 15.08 -12.83
C GLN A 18 12.45 13.98 -11.82
N LEU A 19 12.61 14.41 -10.56
CA LEU A 19 12.93 13.50 -9.47
C LEU A 19 11.73 13.56 -8.52
N LYS A 20 11.04 12.43 -8.25
CA LYS A 20 9.83 12.45 -7.44
CA LYS A 20 9.82 12.44 -7.45
C LYS A 20 10.01 11.49 -6.27
N ASP A 21 9.45 11.87 -5.11
CA ASP A 21 9.52 10.98 -3.95
C ASP A 21 8.26 10.12 -3.95
N VAL A 22 8.44 8.79 -3.85
CA VAL A 22 7.33 7.86 -4.02
C VAL A 22 7.36 6.85 -2.86
N LEU A 23 6.15 6.46 -2.43
CA LEU A 23 6.03 5.40 -1.45
CA LEU A 23 5.96 5.39 -1.45
C LEU A 23 6.14 4.05 -2.14
N MET A 24 6.99 3.17 -1.58
CA MET A 24 7.12 1.82 -2.13
C MET A 24 5.93 1.01 -1.59
N ASP A 25 4.95 0.68 -2.44
CA ASP A 25 3.66 0.27 -1.94
C ASP A 25 3.21 -1.11 -2.44
N THR A 26 3.35 -2.10 -1.57
CA THR A 26 2.96 -3.46 -1.93
C THR A 26 1.45 -3.59 -2.03
N GLY A 27 0.68 -2.60 -1.57
CA GLY A 27 -0.77 -2.60 -1.68
C GLY A 27 -1.28 -2.00 -3.00
N ALA A 28 -0.39 -1.41 -3.79
CA ALA A 28 -0.80 -0.74 -5.03
C ALA A 28 -0.53 -1.69 -6.20
N ASP A 29 -1.55 -1.99 -7.04
CA ASP A 29 -1.23 -2.89 -8.15
C ASP A 29 -0.26 -2.21 -9.14
N ASP A 30 -0.41 -0.89 -9.33
CA ASP A 30 0.40 -0.15 -10.28
C ASP A 30 0.79 1.22 -9.75
N THR A 31 1.97 1.69 -10.19
CA THR A 31 2.43 3.05 -9.83
C THR A 31 1.40 4.12 -10.19
N VAL A 32 1.23 5.11 -9.31
CA VAL A 32 0.36 6.24 -9.64
C VAL A 32 1.01 7.51 -9.14
N LEU A 33 1.11 8.52 -10.01
CA LEU A 33 1.78 9.78 -9.68
C LEU A 33 0.79 10.91 -9.98
N GLU A 34 0.87 12.02 -9.25
N GLU A 34 0.93 12.03 -9.26
CA GLU A 34 -0.12 13.08 -9.47
CA GLU A 34 0.19 13.26 -9.58
C GLU A 34 0.38 14.17 -10.42
C GLU A 34 1.15 14.28 -10.19
N ASN A 35 1.51 14.78 -10.05
N ASN A 35 0.59 15.27 -10.92
CA ASN A 35 1.93 15.98 -10.77
CA ASN A 35 1.30 16.46 -11.35
C ASN A 35 3.03 15.60 -11.76
C ASN A 35 2.64 16.11 -11.99
N ILE A 36 2.62 15.20 -12.98
CA ILE A 36 3.66 14.96 -13.96
C ILE A 36 3.03 14.94 -15.35
N ASP A 37 3.78 15.47 -16.33
CA ASP A 37 3.31 15.44 -17.72
C ASP A 37 4.16 14.43 -18.50
N LEU A 38 3.52 13.40 -19.03
CA LEU A 38 4.25 12.41 -19.78
C LEU A 38 3.80 12.55 -21.23
N PRO A 39 4.71 12.27 -22.17
CA PRO A 39 4.41 12.44 -23.60
C PRO A 39 3.55 11.33 -24.20
N GLY A 40 2.69 11.70 -25.16
CA GLY A 40 2.16 10.65 -26.01
C GLY A 40 0.79 10.15 -25.59
N LYS A 41 0.39 9.03 -26.22
CA LYS A 41 -0.94 8.45 -26.09
CA LYS A 41 -0.91 8.38 -26.11
C LYS A 41 -1.06 7.76 -24.72
N TRP A 42 -2.29 7.70 -24.22
CA TRP A 42 -2.58 7.02 -22.96
C TRP A 42 -3.99 6.48 -23.06
N LYS A 43 -4.35 5.58 -22.13
CA LYS A 43 -5.72 5.10 -22.08
C LYS A 43 -6.30 5.43 -20.72
N PRO A 44 -7.62 5.76 -20.66
CA PRO A 44 -8.24 6.03 -19.38
C PRO A 44 -8.46 4.76 -18.55
N LYS A 45 -8.27 4.87 -17.24
CA LYS A 45 -8.55 3.77 -16.31
C LYS A 45 -9.13 4.34 -15.03
N LEU A 46 -9.90 3.53 -14.28
CA LEU A 46 -10.33 3.90 -12.93
C LEU A 46 -9.55 2.99 -11.99
N ILE A 47 -8.97 3.52 -10.91
CA ILE A 47 -8.44 2.67 -9.88
C ILE A 47 -9.24 2.86 -8.60
N GLY A 48 -9.21 1.85 -7.73
CA GLY A 48 -10.14 1.78 -6.61
C GLY A 48 -9.32 1.83 -5.33
N GLY A 49 -9.75 2.69 -4.42
CA GLY A 49 -9.07 2.71 -3.14
C GLY A 49 -10.02 3.20 -2.05
N ILE A 50 -9.46 3.41 -0.87
CA ILE A 50 -10.21 4.07 0.20
C ILE A 50 -10.60 5.47 -0.26
N GLY A 51 -11.91 5.77 -0.10
CA GLY A 51 -12.46 7.04 -0.58
C GLY A 51 -13.05 6.93 -1.99
N GLY A 52 -13.02 5.70 -2.56
CA GLY A 52 -13.69 5.52 -3.85
C GLY A 52 -12.73 5.45 -5.05
N PHE A 53 -13.25 5.63 -6.27
CA PHE A 53 -12.49 5.48 -7.52
C PHE A 53 -11.81 6.78 -7.88
N VAL A 54 -10.65 6.65 -8.54
CA VAL A 54 -9.90 7.78 -9.06
C VAL A 54 -9.68 7.55 -10.55
N LYS A 55 -9.97 8.57 -11.36
CA LYS A 55 -9.70 8.52 -12.78
C LYS A 55 -8.24 8.82 -13.04
N VAL A 56 -7.59 7.94 -13.81
CA VAL A 56 -6.20 8.13 -14.17
C VAL A 56 -5.99 7.95 -15.67
N ARG A 57 -4.83 8.37 -16.15
CA ARG A 57 -4.36 8.07 -17.48
C ARG A 57 -3.29 7.00 -17.36
N GLN A 58 -3.41 5.94 -18.15
CA GLN A 58 -2.38 4.90 -18.14
C GLN A 58 -1.40 5.16 -19.28
N TYR A 59 -0.12 5.33 -18.92
CA TYR A 59 0.94 5.46 -19.89
C TYR A 59 1.81 4.22 -19.84
N ASP A 60 2.07 3.63 -21.03
CA ASP A 60 2.86 2.40 -21.08
C ASP A 60 4.31 2.72 -21.47
N HIS A 61 5.21 1.81 -21.10
CA HIS A 61 6.61 1.80 -21.52
C HIS A 61 7.28 3.14 -21.23
N VAL A 62 7.05 3.70 -20.02
CA VAL A 62 7.61 4.98 -19.61
C VAL A 62 9.00 4.74 -19.02
N PRO A 63 10.09 5.38 -19.50
CA PRO A 63 11.41 5.13 -18.93
C PRO A 63 11.48 5.75 -17.52
N VAL A 64 11.90 4.95 -16.55
CA VAL A 64 12.13 5.46 -15.20
C VAL A 64 13.43 4.87 -14.68
N GLU A 65 13.95 5.47 -13.59
CA GLU A 65 15.05 4.85 -12.88
C GLU A 65 14.67 4.85 -11.40
N VAL A 66 14.82 3.68 -10.75
CA VAL A 66 14.52 3.57 -9.33
C VAL A 66 15.49 2.56 -8.74
N ALA A 67 16.04 2.91 -7.55
CA ALA A 67 16.96 2.06 -6.81
C ALA A 67 18.14 1.75 -7.71
N GLY A 68 18.47 2.66 -8.63
CA GLY A 68 19.65 2.43 -9.47
C GLY A 68 19.41 1.61 -10.75
N HIS A 69 18.15 1.26 -11.04
CA HIS A 69 17.79 0.38 -12.15
C HIS A 69 16.99 1.18 -13.17
N LYS A 70 17.49 1.21 -14.43
CA LYS A 70 16.71 1.81 -15.51
C LYS A 70 15.80 0.77 -16.16
N VAL A 71 14.49 1.08 -16.20
CA VAL A 71 13.53 0.17 -16.80
C VAL A 71 12.48 0.99 -17.55
N THR A 72 11.68 0.34 -18.40
CA THR A 72 10.47 1.00 -18.82
C THR A 72 9.28 0.35 -18.12
N THR A 73 8.24 1.16 -17.83
CA THR A 73 7.22 0.68 -16.91
C THR A 73 5.88 1.38 -17.16
N THR A 74 4.78 0.78 -16.68
CA THR A 74 3.46 1.38 -16.78
C THR A 74 3.33 2.41 -15.66
N VAL A 75 2.91 3.63 -16.02
CA VAL A 75 2.69 4.67 -15.00
C VAL A 75 1.26 5.17 -15.13
N LEU A 76 0.56 5.26 -13.99
CA LEU A 76 -0.77 5.87 -13.98
C LEU A 76 -0.58 7.29 -13.48
N VAL A 77 -1.30 8.23 -14.13
CA VAL A 77 -1.20 9.62 -13.75
C VAL A 77 -2.58 10.13 -13.39
N GLY A 78 -2.73 10.62 -12.16
CA GLY A 78 -4.03 11.13 -11.77
C GLY A 78 -3.97 11.76 -10.39
N PRO A 79 -5.11 12.24 -9.85
CA PRO A 79 -5.09 13.06 -8.62
C PRO A 79 -4.94 12.29 -7.30
N THR A 80 -3.89 11.47 -7.20
CA THR A 80 -3.62 10.82 -5.91
C THR A 80 -3.03 11.88 -5.00
N PRO A 81 -3.33 11.88 -3.68
CA PRO A 81 -2.72 12.80 -2.74
C PRO A 81 -1.27 12.43 -2.39
N VAL A 82 -0.90 11.18 -2.68
CA VAL A 82 0.42 10.63 -2.35
C VAL A 82 0.90 9.80 -3.54
N ASP A 83 2.10 10.11 -4.06
CA ASP A 83 2.66 9.34 -5.17
C ASP A 83 3.19 7.98 -4.66
N VAL A 84 2.88 6.90 -5.39
CA VAL A 84 3.28 5.55 -4.97
C VAL A 84 3.87 4.82 -6.17
N ILE A 85 4.81 3.91 -5.92
CA ILE A 85 5.14 2.91 -6.92
C ILE A 85 4.56 1.59 -6.49
N GLY A 86 3.96 0.90 -7.43
CA GLY A 86 3.21 -0.31 -7.10
C GLY A 86 3.92 -1.61 -7.51
N ARG A 87 3.20 -2.72 -7.37
CA ARG A 87 3.81 -4.02 -7.56
C ARG A 87 4.37 -4.20 -8.98
N ASN A 88 3.79 -3.53 -9.99
CA ASN A 88 4.31 -3.68 -11.33
C ASN A 88 5.78 -3.25 -11.34
N LEU A 89 6.11 -2.10 -10.72
CA LEU A 89 7.50 -1.64 -10.74
C LEU A 89 8.32 -2.39 -9.69
N LEU A 90 7.73 -2.72 -8.52
CA LEU A 90 8.50 -3.40 -7.46
C LEU A 90 8.98 -4.75 -7.98
N THR A 91 8.14 -5.42 -8.76
CA THR A 91 8.59 -6.69 -9.33
C THR A 91 9.71 -6.51 -10.34
N GLN A 92 9.68 -5.43 -11.11
CA GLN A 92 10.75 -5.19 -12.09
C GLN A 92 12.10 -4.96 -11.40
N ILE A 93 12.13 -4.53 -10.11
CA ILE A 93 13.38 -4.30 -9.40
C ILE A 93 13.67 -5.37 -8.35
N GLY A 94 12.87 -6.43 -8.33
CA GLY A 94 13.14 -7.59 -7.48
C GLY A 94 12.81 -7.35 -6.01
N ALA A 95 11.89 -6.42 -5.71
CA ALA A 95 11.51 -6.19 -4.31
C ALA A 95 10.67 -7.33 -3.74
N THR A 96 10.92 -7.67 -2.47
CA THR A 96 10.18 -8.75 -1.81
C THR A 96 9.84 -8.33 -0.38
N LEU A 97 8.79 -8.99 0.18
CA LEU A 97 8.43 -8.80 1.58
C LEU A 97 8.95 -9.99 2.36
N ASN A 98 9.43 -9.70 3.59
CA ASN A 98 10.08 -10.75 4.36
C ASN A 98 9.60 -10.64 5.79
N PHE A 99 9.12 -11.77 6.36
CA PHE A 99 8.64 -11.75 7.74
C PHE A 99 8.68 -13.18 8.25
N PRO B 1 8.64 -16.17 5.92
CA PRO B 1 8.69 -16.38 4.46
C PRO B 1 9.30 -15.16 3.74
N GLN B 2 9.79 -15.38 2.52
CA GLN B 2 10.15 -14.29 1.63
C GLN B 2 9.16 -14.41 0.48
N ILE B 3 8.39 -13.35 0.25
CA ILE B 3 7.26 -13.28 -0.66
CA ILE B 3 7.42 -13.47 -0.81
C ILE B 3 7.66 -12.40 -1.85
N THR B 4 7.50 -12.88 -3.09
CA THR B 4 7.68 -12.02 -4.24
C THR B 4 6.34 -11.31 -4.45
N LEU B 5 6.32 -10.35 -5.39
CA LEU B 5 5.18 -9.44 -5.48
C LEU B 5 4.49 -9.56 -6.82
N TRP B 6 4.72 -10.72 -7.50
CA TRP B 6 4.02 -10.94 -8.75
C TRP B 6 2.51 -11.11 -8.52
N LYS B 7 2.18 -11.82 -7.46
CA LYS B 7 0.80 -11.93 -6.98
C LYS B 7 0.58 -10.92 -5.85
N ARG B 8 -0.69 -10.59 -5.58
N ARG B 8 -0.69 -10.61 -5.57
CA ARG B 8 -0.95 -9.72 -4.44
CA ARG B 8 -0.99 -9.77 -4.43
C ARG B 8 -0.57 -10.45 -3.15
C ARG B 8 -0.56 -10.48 -3.15
N PRO B 9 0.14 -9.78 -2.23
CA PRO B 9 0.65 -10.41 -1.00
C PRO B 9 -0.43 -10.55 0.07
N ILE B 10 -1.27 -11.62 -0.08
CA ILE B 10 -2.40 -11.80 0.83
CA ILE B 10 -2.44 -11.89 0.75
C ILE B 10 -2.04 -12.91 1.80
N ILE B 11 -2.31 -12.65 3.06
CA ILE B 11 -2.12 -13.70 4.08
C ILE B 11 -3.39 -13.81 4.89
N THR B 12 -3.47 -14.87 5.71
CA THR B 12 -4.65 -15.06 6.57
C THR B 12 -4.24 -14.73 7.99
N ILE B 13 -4.99 -13.87 8.69
CA ILE B 13 -4.75 -13.52 10.07
C ILE B 13 -5.94 -14.01 10.89
N LYS B 14 -5.76 -14.06 12.22
CA LYS B 14 -6.89 -14.31 13.10
C LYS B 14 -7.19 -13.01 13.84
N ILE B 15 -8.47 -12.59 13.82
CA ILE B 15 -8.85 -11.33 14.46
C ILE B 15 -10.28 -11.44 15.02
N GLY B 16 -10.45 -11.08 16.31
CA GLY B 16 -11.75 -11.15 16.95
C GLY B 16 -12.37 -12.53 16.79
N GLY B 17 -11.49 -13.54 16.84
CA GLY B 17 -11.90 -14.93 16.74
C GLY B 17 -12.07 -15.45 15.32
N GLN B 18 -12.01 -14.57 14.28
CA GLN B 18 -12.26 -14.96 12.90
CA GLN B 18 -12.16 -15.18 12.98
C GLN B 18 -10.94 -14.96 12.10
N LEU B 19 -10.83 -15.86 11.12
CA LEU B 19 -9.80 -15.82 10.10
C LEU B 19 -10.20 -14.85 9.01
N LYS B 20 -9.25 -13.98 8.62
CA LYS B 20 -9.58 -13.01 7.58
C LYS B 20 -8.40 -12.94 6.62
N ASP B 21 -8.66 -12.98 5.30
CA ASP B 21 -7.60 -12.75 4.32
C ASP B 21 -7.38 -11.25 4.17
N VAL B 22 -6.10 -10.84 4.21
CA VAL B 22 -5.76 -9.42 4.25
C VAL B 22 -4.56 -9.18 3.33
N LEU B 23 -4.55 -8.00 2.68
CA LEU B 23 -3.45 -7.64 1.79
C LEU B 23 -2.36 -6.92 2.61
N MET B 24 -1.09 -7.33 2.44
CA MET B 24 -0.01 -6.70 3.18
C MET B 24 0.34 -5.43 2.40
N ASP B 25 0.12 -4.28 3.03
CA ASP B 25 0.12 -3.01 2.30
C ASP B 25 1.13 -2.06 2.94
N THR B 26 2.30 -1.98 2.32
CA THR B 26 3.33 -1.11 2.90
C THR B 26 2.97 0.35 2.71
N GLY B 27 2.04 0.72 1.79
CA GLY B 27 1.63 2.11 1.69
C GLY B 27 0.51 2.53 2.66
N ALA B 28 0.11 1.57 3.52
CA ALA B 28 -0.92 1.88 4.49
C ALA B 28 -0.25 2.10 5.86
N ASP B 29 -0.54 3.23 6.50
CA ASP B 29 -0.07 3.40 7.88
C ASP B 29 -0.81 2.44 8.82
N ASP B 30 -2.08 2.16 8.47
CA ASP B 30 -2.99 1.55 9.42
C ASP B 30 -3.56 0.26 8.85
N THR B 31 -4.18 -0.56 9.73
CA THR B 31 -4.83 -1.80 9.32
C THR B 31 -6.33 -1.49 9.26
N VAL B 32 -6.95 -1.79 8.13
CA VAL B 32 -8.33 -1.38 7.88
C VAL B 32 -9.10 -2.58 7.30
N LEU B 33 -10.26 -2.85 7.94
CA LEU B 33 -11.12 -3.91 7.43
C LEU B 33 -12.55 -3.39 7.41
N GLU B 34 -13.34 -3.96 6.49
CA GLU B 34 -14.76 -3.59 6.45
C GLU B 34 -15.65 -4.63 7.15
N ASN B 35 -16.61 -4.12 7.95
CA ASN B 35 -17.74 -4.98 8.35
C ASN B 35 -17.24 -6.21 9.12
N ILE B 36 -16.33 -6.01 10.12
CA ILE B 36 -15.98 -7.09 11.05
C ILE B 36 -16.61 -6.83 12.41
N ASP B 37 -16.78 -7.93 13.14
CA ASP B 37 -17.48 -7.88 14.41
C ASP B 37 -16.46 -7.75 15.55
N LEU B 38 -16.18 -6.55 16.05
CA LEU B 38 -15.19 -6.44 17.11
C LEU B 38 -15.95 -5.92 18.34
N PRO B 39 -15.65 -6.45 19.54
CA PRO B 39 -16.41 -6.07 20.75
C PRO B 39 -15.92 -4.75 21.33
N GLY B 40 -16.76 -4.08 22.10
CA GLY B 40 -16.27 -3.02 22.96
C GLY B 40 -16.26 -1.66 22.28
N LYS B 41 -15.73 -0.65 22.99
CA LYS B 41 -15.87 0.73 22.57
C LYS B 41 -14.83 1.04 21.47
N TRP B 42 -15.04 2.14 20.75
CA TRP B 42 -14.11 2.56 19.71
C TRP B 42 -14.17 4.07 19.68
N LYS B 43 -13.23 4.73 19.01
CA LYS B 43 -13.34 6.17 18.79
C LYS B 43 -13.29 6.46 17.29
N PRO B 44 -13.90 7.57 16.85
CA PRO B 44 -13.85 7.99 15.45
C PRO B 44 -12.44 8.34 15.02
N LYS B 45 -12.11 7.95 13.78
CA LYS B 45 -10.85 8.40 13.19
CA LYS B 45 -10.82 8.27 13.15
C LYS B 45 -11.09 8.72 11.73
N LEU B 46 -10.39 9.73 11.24
CA LEU B 46 -10.50 10.08 9.83
C LEU B 46 -9.20 9.65 9.15
N ILE B 47 -9.30 8.85 8.06
CA ILE B 47 -8.08 8.44 7.34
C ILE B 47 -8.15 8.98 5.92
N GLY B 48 -6.97 9.26 5.34
CA GLY B 48 -7.00 9.81 4.00
C GLY B 48 -6.58 8.75 3.00
N GLY B 49 -7.52 8.32 2.17
CA GLY B 49 -7.19 7.35 1.14
C GLY B 49 -7.03 8.03 -0.20
N ILE B 50 -6.83 7.24 -1.23
CA ILE B 50 -6.57 7.80 -2.56
C ILE B 50 -7.73 8.69 -3.01
N GLY B 51 -8.94 8.34 -2.56
CA GLY B 51 -10.11 9.05 -3.07
C GLY B 51 -10.55 10.18 -2.15
N GLY B 52 -9.94 10.31 -0.98
CA GLY B 52 -10.32 11.36 -0.03
C GLY B 52 -10.36 10.82 1.39
N PHE B 53 -10.80 11.68 2.30
CA PHE B 53 -10.79 11.31 3.70
C PHE B 53 -12.08 10.61 4.09
N VAL B 54 -11.96 9.54 4.85
CA VAL B 54 -13.01 8.61 5.18
C VAL B 54 -13.09 8.42 6.70
N LYS B 55 -14.33 8.43 7.24
CA LYS B 55 -14.55 8.14 8.65
C LYS B 55 -14.56 6.65 8.94
N VAL B 56 -13.79 6.21 9.95
CA VAL B 56 -13.72 4.82 10.36
C VAL B 56 -13.82 4.75 11.88
N ARG B 57 -14.03 3.54 12.39
CA ARG B 57 -13.98 3.24 13.81
C ARG B 57 -12.58 2.74 14.16
N GLN B 58 -11.99 3.27 15.23
CA GLN B 58 -10.70 2.83 15.72
C GLN B 58 -10.85 2.00 16.99
N TYR B 59 -10.51 0.71 16.88
CA TYR B 59 -10.46 -0.23 17.99
C TYR B 59 -9.02 -0.45 18.46
N ASP B 60 -8.78 -0.22 19.77
CA ASP B 60 -7.43 -0.35 20.33
C ASP B 60 -7.27 -1.70 21.04
N HIS B 61 -6.02 -2.22 21.12
CA HIS B 61 -5.66 -3.41 21.88
C HIS B 61 -6.38 -4.66 21.40
N VAL B 62 -6.57 -4.79 20.09
CA VAL B 62 -7.25 -5.92 19.51
C VAL B 62 -6.28 -7.08 19.38
N PRO B 63 -6.59 -8.28 19.92
CA PRO B 63 -5.71 -9.45 19.77
C PRO B 63 -5.80 -10.00 18.35
N VAL B 64 -4.63 -10.13 17.73
CA VAL B 64 -4.53 -10.63 16.38
CA VAL B 64 -4.56 -10.67 16.38
C VAL B 64 -3.44 -11.69 16.37
N GLU B 65 -3.55 -12.64 15.48
CA GLU B 65 -2.46 -13.56 15.29
C GLU B 65 -2.05 -13.49 13.84
N VAL B 66 -0.77 -13.22 13.58
CA VAL B 66 -0.32 -12.99 12.22
C VAL B 66 1.00 -13.70 12.06
N ALA B 67 1.07 -14.60 11.07
CA ALA B 67 2.34 -15.25 10.71
C ALA B 67 2.88 -15.95 11.96
N GLY B 68 1.91 -16.36 12.82
CA GLY B 68 2.14 -17.18 13.99
C GLY B 68 2.60 -16.38 15.21
N HIS B 69 2.61 -15.04 15.13
CA HIS B 69 2.79 -14.13 16.25
C HIS B 69 1.43 -13.69 16.79
N LYS B 70 1.28 -13.76 18.12
CA LYS B 70 0.11 -13.24 18.80
C LYS B 70 0.44 -11.88 19.39
N VAL B 71 -0.20 -10.84 18.87
CA VAL B 71 0.03 -9.49 19.35
C VAL B 71 -1.32 -8.83 19.59
N THR B 72 -1.28 -7.63 20.16
CA THR B 72 -2.44 -6.76 20.17
C THR B 72 -2.11 -5.54 19.32
N THR B 73 -3.13 -4.95 18.71
CA THR B 73 -2.88 -3.91 17.71
C THR B 73 -4.09 -2.98 17.58
N THR B 74 -3.90 -1.84 16.90
CA THR B 74 -5.02 -0.98 16.58
C THR B 74 -5.61 -1.44 15.25
N VAL B 75 -6.94 -1.51 15.16
CA VAL B 75 -7.58 -1.95 13.93
C VAL B 75 -8.64 -0.94 13.59
N LEU B 76 -8.71 -0.48 12.32
CA LEU B 76 -9.71 0.49 11.93
C LEU B 76 -10.78 -0.26 11.15
N VAL B 77 -12.04 0.14 11.34
CA VAL B 77 -13.14 -0.60 10.69
C VAL B 77 -14.01 0.39 9.95
N GLY B 78 -14.20 0.14 8.65
CA GLY B 78 -14.85 1.16 7.83
C GLY B 78 -14.86 0.79 6.36
N PRO B 79 -15.42 1.67 5.51
N PRO B 79 -15.34 1.63 5.41
CA PRO B 79 -15.44 1.42 4.07
CA PRO B 79 -15.61 1.18 4.04
C PRO B 79 -14.01 1.36 3.51
C PRO B 79 -14.40 1.23 3.09
N THR B 80 -13.62 0.15 3.11
CA THR B 80 -12.42 -0.03 2.32
C THR B 80 -12.69 -1.09 1.29
N PRO B 81 -12.18 -0.91 0.05
CA PRO B 81 -12.41 -1.92 -0.98
C PRO B 81 -11.56 -3.17 -0.78
N VAL B 82 -10.53 -3.11 0.11
CA VAL B 82 -9.73 -4.27 0.39
C VAL B 82 -9.43 -4.24 1.89
N ASP B 83 -9.50 -5.41 2.51
CA ASP B 83 -9.07 -5.51 3.92
C ASP B 83 -7.55 -5.57 3.93
N VAL B 84 -6.92 -4.59 4.58
CA VAL B 84 -5.45 -4.50 4.49
C VAL B 84 -4.81 -4.57 5.86
N ILE B 85 -3.58 -5.14 5.93
CA ILE B 85 -2.79 -4.90 7.13
CA ILE B 85 -2.72 -4.99 7.10
C ILE B 85 -1.65 -3.96 6.73
N GLY B 86 -1.57 -2.88 7.54
CA GLY B 86 -0.65 -1.77 7.31
C GLY B 86 0.59 -1.86 8.19
N ARG B 87 1.36 -0.80 8.12
CA ARG B 87 2.68 -0.86 8.74
C ARG B 87 2.56 -1.00 10.25
N ASN B 88 1.48 -0.49 10.88
CA ASN B 88 1.39 -0.65 12.33
C ASN B 88 1.57 -2.13 12.74
N LEU B 89 0.93 -3.07 12.02
CA LEU B 89 1.01 -4.48 12.31
C LEU B 89 2.22 -5.14 11.65
N LEU B 90 2.60 -4.71 10.42
CA LEU B 90 3.75 -5.32 9.78
C LEU B 90 5.01 -5.09 10.64
N THR B 91 5.12 -3.93 11.29
N THR B 91 5.07 -3.93 11.32
CA THR B 91 6.34 -3.72 12.07
CA THR B 91 6.22 -3.51 12.16
C THR B 91 6.29 -4.67 13.27
C THR B 91 6.28 -4.44 13.37
N GLN B 92 5.08 -4.82 13.85
CA GLN B 92 4.96 -5.74 14.99
C GLN B 92 5.52 -7.12 14.70
N ILE B 93 5.43 -7.63 13.47
CA ILE B 93 5.93 -8.95 13.11
C ILE B 93 7.32 -8.86 12.48
N GLY B 94 7.93 -7.67 12.46
CA GLY B 94 9.30 -7.54 11.99
C GLY B 94 9.42 -7.61 10.47
N ALA B 95 8.34 -7.35 9.74
CA ALA B 95 8.41 -7.43 8.28
C ALA B 95 9.36 -6.37 7.69
N THR B 96 10.05 -6.77 6.61
CA THR B 96 10.91 -5.85 5.87
C THR B 96 10.56 -5.87 4.38
N LEU B 97 10.90 -4.77 3.69
CA LEU B 97 10.83 -4.74 2.24
C LEU B 97 12.28 -4.82 1.75
N ASN B 98 12.61 -5.81 0.93
CA ASN B 98 13.99 -6.06 0.52
C ASN B 98 14.11 -5.82 -0.97
N PHE B 99 15.27 -5.33 -1.45
CA PHE B 99 15.46 -5.22 -2.90
C PHE B 99 16.97 -5.14 -3.23
P PO4 C . 5.04 -3.56 -16.08
O1 PO4 C . 6.15 -3.52 -17.15
O2 PO4 C . 4.35 -2.19 -15.93
O3 PO4 C . 5.71 -3.93 -14.74
O4 PO4 C . 4.00 -4.63 -16.42
P PO4 D . 11.52 -5.43 -17.67
O1 PO4 D . 12.57 -5.06 -18.67
O2 PO4 D . 10.16 -5.06 -18.18
O3 PO4 D . 11.80 -4.72 -16.34
O4 PO4 D . 11.58 -6.93 -17.39
P PO4 E . -7.04 -1.45 -9.63
O1 PO4 E . -5.65 -1.61 -9.14
O2 PO4 E . -7.80 -0.48 -8.72
O3 PO4 E . -7.01 -0.93 -11.05
O4 PO4 E . -7.76 -2.86 -9.65
N1 017 F . -2.89 1.07 -8.79
C2 017 F . -3.33 1.56 -7.57
C3 017 F . -2.46 2.35 -6.80
C4 017 F . -2.82 2.77 -5.54
C5 017 F . -4.10 2.47 -5.05
C6 017 F . -4.99 1.69 -5.82
C7 017 F . -4.60 1.23 -7.06
S8 017 F . -4.56 2.99 -3.42
O9 017 F . -3.74 4.14 -3.07
O10 017 F . -5.98 3.13 -3.40
N11 017 F . -4.20 1.79 -2.35
C12 017 F . -4.91 0.49 -2.51
C13 017 F . -5.19 -0.27 -1.20
C14 017 F . -6.15 0.54 -0.30
C15 017 F . -5.80 -1.61 -1.63
C16 017 F . -2.77 1.65 -1.95
C17 017 F . -2.58 1.94 -0.46
O18 017 F . -1.29 1.51 -0.06
C19 017 F . -2.80 3.40 -0.08
N20 017 F . -2.84 3.52 1.39
C21 017 F . -3.96 3.74 2.06
O22 017 F . -5.06 3.94 1.56
O23 017 F . -3.70 3.69 3.41
C24 017 F . -4.80 4.08 4.26
C25 017 F . -4.72 3.10 5.42
O26 017 F . -3.65 3.65 6.23
C27 017 F . -3.60 5.05 6.10
O28 017 F . -2.24 5.49 5.84
C29 017 F . -2.11 5.95 4.49
C30 017 F . -3.52 6.34 4.07
C31 017 F . -4.46 5.44 4.88
C32 017 F . -1.71 4.36 -0.61
C33 017 F . -1.34 6.42 0.83
C34 017 F . -1.66 7.70 1.26
C35 017 F . -2.69 8.41 0.69
C36 017 F . -3.41 7.79 -0.33
C37 017 F . -3.07 6.51 -0.79
C38 017 F . -2.04 5.78 -0.19
P PO4 G . -2.58 7.66 10.55
P PO4 G . -1.60 7.57 11.25
O1 PO4 G . -1.36 8.19 9.77
O1 PO4 G . -0.19 8.01 11.72
O2 PO4 G . -3.12 8.76 11.40
O2 PO4 G . -2.63 8.42 11.96
O3 PO4 G . -2.14 6.54 11.41
O3 PO4 G . -1.78 6.10 11.61
O4 PO4 G . -3.64 7.13 9.59
O4 PO4 G . -1.70 7.79 9.75
#